data_4YN5
#
_entry.id   4YN5
#
_cell.length_a   124.403
_cell.length_b   124.403
_cell.length_c   45.786
_cell.angle_alpha   90.00
_cell.angle_beta   90.00
_cell.angle_gamma   120.00
#
_symmetry.space_group_name_H-M   'P 65'
#
loop_
_entity.id
_entity.type
_entity.pdbx_description
1 polymer 'Mannan endo-1,4-beta-mannosidase'
2 non-polymer 'CACODYLATE ION'
3 water water
#
_entity_poly.entity_id   1
_entity_poly.type   'polypeptide(L)'
_entity_poly.pdbx_seq_one_letter_code
;MRGSHHHHHHGMASMTGGQQMGRDLYDDDDKDRWGSESKIPKDSEGQSFKLVDSNASTLTKSLYAYLQDTSGRQILFGHQ
HAVDEGLTLTNSGDRVGSTQSEVKNAVGDYPAIFGWDTLSLDGYEKPGNEKNSQAQNRANVVQSMRTVHELGGIIALSMH
PENFVTGNQYNDTSGDVVKNILPDGSHHEVFNAWLDNIAAFAHELTDQSTGELIPVIFRPFHEQNGGWFWWGAQTTTASE
YKALYRYTVDYLRDVKGVNNFLYAFSPNAPFDGNLTQYLRTYPGDQYVDIFGLDQYDNKANAGQATFLNGLTQDLAMISK
LADEKGKIAAFTEYGYSPQGFNETGNYLQWYTAVLEAIKKDPNASRIAYMQTWANFGYPTNMFVPYRDVNGNLGGDHELL
PNFVEFYEDDYAAFLTEASGWNLYQDISTIEQEPFMHIVTPT
;
_entity_poly.pdbx_strand_id   A
#
loop_
_chem_comp.id
_chem_comp.type
_chem_comp.name
_chem_comp.formula
CAC non-polymer 'CACODYLATE ION' 'C2 H6 As O2 -1'
#
# COMPACT_ATOMS: atom_id res chain seq x y z
N ILE A 40 2.87 2.68 -22.75
CA ILE A 40 3.88 2.69 -21.60
C ILE A 40 5.28 2.11 -22.02
N PRO A 41 6.18 2.99 -22.48
CA PRO A 41 7.40 2.49 -23.11
C PRO A 41 8.39 1.97 -22.07
N LYS A 42 9.12 0.92 -22.43
CA LYS A 42 10.12 0.38 -21.55
C LYS A 42 11.43 1.21 -21.49
N ASP A 43 11.29 2.51 -21.14
CA ASP A 43 12.47 3.41 -21.03
C ASP A 43 13.57 2.86 -20.12
N SER A 44 13.18 2.21 -19.02
CA SER A 44 14.14 1.76 -18.00
C SER A 44 14.78 0.41 -18.29
N GLU A 45 14.36 -0.20 -19.41
CA GLU A 45 14.92 -1.47 -19.85
C GLU A 45 16.39 -1.30 -20.16
N GLY A 46 17.20 -2.25 -19.70
CA GLY A 46 18.64 -2.24 -19.92
C GLY A 46 19.36 -1.31 -18.98
N GLN A 47 18.59 -0.60 -18.16
CA GLN A 47 19.16 0.38 -17.24
C GLN A 47 19.49 -0.27 -15.88
N SER A 48 20.06 0.53 -14.98
CA SER A 48 20.37 0.09 -13.62
C SER A 48 19.86 1.06 -12.57
N PHE A 49 19.47 0.52 -11.42
CA PHE A 49 18.81 1.31 -10.36
C PHE A 49 19.35 0.98 -8.99
N LYS A 50 19.39 1.99 -8.15
CA LYS A 50 19.81 1.82 -6.77
C LYS A 50 18.57 1.37 -5.98
N LEU A 51 18.45 0.07 -5.73
CA LEU A 51 17.34 -0.48 -4.97
C LEU A 51 17.89 -0.79 -3.63
N VAL A 52 17.03 -0.74 -2.64
CA VAL A 52 17.39 -1.07 -1.28
C VAL A 52 18.03 -2.46 -1.27
N ASP A 53 17.44 -3.38 -2.02
CA ASP A 53 17.94 -4.76 -2.21
C ASP A 53 18.71 -4.88 -3.53
N SER A 54 20.04 -4.86 -3.45
CA SER A 54 20.84 -5.06 -4.67
C SER A 54 20.61 -6.46 -5.29
N ASN A 55 20.11 -7.41 -4.49
CA ASN A 55 19.88 -8.77 -4.99
C ASN A 55 18.38 -9.02 -5.25
N ALA A 56 17.63 -7.95 -5.52
CA ALA A 56 16.18 -8.03 -5.78
C ALA A 56 15.91 -8.91 -6.99
N SER A 57 14.85 -9.73 -6.91
CA SER A 57 14.55 -10.70 -7.95
C SER A 57 14.09 -10.08 -9.26
N THR A 58 13.95 -10.91 -10.30
CA THR A 58 13.70 -10.40 -11.63
C THR A 58 12.41 -9.56 -11.72
N LEU A 59 11.32 -10.09 -11.15
CA LEU A 59 10.03 -9.40 -11.23
C LEU A 59 9.99 -8.19 -10.30
N THR A 60 10.76 -8.25 -9.19
CA THR A 60 10.87 -7.10 -8.27
C THR A 60 11.58 -5.96 -8.97
N LYS A 61 12.73 -6.25 -9.59
CA LYS A 61 13.40 -5.26 -10.43
C LYS A 61 12.47 -4.73 -11.53
N SER A 62 11.70 -5.63 -12.15
CA SER A 62 10.81 -5.26 -13.24
C SER A 62 9.74 -4.30 -12.76
N LEU A 63 9.19 -4.61 -11.59
CA LEU A 63 8.15 -3.75 -11.04
C LEU A 63 8.69 -2.36 -10.74
N TYR A 64 9.88 -2.31 -10.13
CA TYR A 64 10.57 -1.06 -9.85
C TYR A 64 10.79 -0.21 -11.14
N ALA A 65 11.31 -0.86 -12.20
CA ALA A 65 11.49 -0.20 -13.51
C ALA A 65 10.20 0.37 -14.05
N TYR A 66 9.13 -0.41 -13.98
CA TYR A 66 7.83 0.01 -14.46
C TYR A 66 7.28 1.20 -13.66
N LEU A 67 7.43 1.13 -12.35
CA LEU A 67 7.02 2.26 -11.53
C LEU A 67 7.77 3.53 -11.93
N GLN A 68 9.08 3.40 -12.22
CA GLN A 68 9.84 4.55 -12.74
C GLN A 68 9.29 5.07 -14.06
N ASP A 69 8.91 4.17 -14.97
CA ASP A 69 8.48 4.52 -16.31
C ASP A 69 7.06 5.04 -16.41
N THR A 70 6.17 4.55 -15.55
CA THR A 70 4.76 5.04 -15.51
C THR A 70 4.70 6.48 -14.96
N SER A 71 5.68 6.84 -14.10
CA SER A 71 5.76 8.19 -13.47
C SER A 71 5.67 9.27 -14.53
N GLY A 72 4.66 10.13 -14.42
CA GLY A 72 4.38 11.18 -15.42
C GLY A 72 3.52 10.76 -16.61
N ARG A 73 3.19 9.47 -16.68
CA ARG A 73 2.34 8.98 -17.76
CA ARG A 73 2.37 8.93 -17.76
C ARG A 73 1.00 8.49 -17.26
N GLN A 74 1.00 7.76 -16.15
CA GLN A 74 -0.27 7.26 -15.57
CA GLN A 74 -0.27 7.31 -15.56
C GLN A 74 -0.03 6.99 -14.09
N ILE A 75 -1.08 7.14 -13.28
CA ILE A 75 -1.01 6.74 -11.87
C ILE A 75 -1.82 5.40 -11.66
N LEU A 76 -1.15 4.36 -11.20
CA LEU A 76 -1.80 3.07 -10.90
C LEU A 76 -2.77 3.21 -9.74
N PHE A 77 -3.97 2.67 -9.88
CA PHE A 77 -4.93 2.70 -8.77
C PHE A 77 -4.83 1.43 -7.96
N GLY A 78 -4.80 1.56 -6.63
CA GLY A 78 -4.80 0.40 -5.72
C GLY A 78 -5.98 0.36 -4.75
N HIS A 79 -6.25 -0.86 -4.25
CA HIS A 79 -7.36 -1.07 -3.32
C HIS A 79 -7.06 -2.18 -2.31
N GLN A 80 -7.17 -1.85 -1.03
CA GLN A 80 -6.88 -2.78 0.04
C GLN A 80 -8.05 -3.77 0.05
N HIS A 81 -7.74 -5.05 0.26
CA HIS A 81 -8.79 -6.12 0.28
C HIS A 81 -9.62 -6.10 -1.02
N ALA A 82 -8.93 -5.88 -2.14
CA ALA A 82 -9.58 -5.69 -3.43
C ALA A 82 -10.43 -6.91 -3.85
N VAL A 83 -10.02 -8.10 -3.40
CA VAL A 83 -10.75 -9.31 -3.77
C VAL A 83 -11.51 -10.06 -2.65
N ASP A 84 -11.42 -9.60 -1.41
CA ASP A 84 -12.11 -10.31 -0.37
C ASP A 84 -12.91 -9.42 0.65
N GLU A 85 -12.99 -8.11 0.46
CA GLU A 85 -13.93 -7.30 1.21
C GLU A 85 -14.66 -6.34 0.34
N GLY A 86 -15.99 -6.41 0.40
CA GLY A 86 -16.86 -5.54 -0.37
C GLY A 86 -18.28 -5.94 -0.04
N LEU A 87 -19.19 -4.98 -0.17
CA LEU A 87 -20.61 -5.26 0.01
C LEU A 87 -21.18 -6.16 -1.12
N THR A 88 -20.53 -6.14 -2.28
CA THR A 88 -21.04 -6.85 -3.47
C THR A 88 -20.40 -8.22 -3.64
N LEU A 89 -19.56 -8.59 -2.70
CA LEU A 89 -18.90 -9.90 -2.86
C LEU A 89 -19.90 -10.96 -2.44
N THR A 90 -19.91 -12.10 -3.12
CA THR A 90 -20.92 -13.17 -2.80
C THR A 90 -20.27 -14.51 -2.37
N ASN A 91 -18.95 -14.60 -2.47
CA ASN A 91 -18.24 -15.80 -2.08
C ASN A 91 -18.07 -15.96 -0.57
N SER A 92 -17.82 -17.21 -0.14
CA SER A 92 -18.00 -17.61 1.26
C SER A 92 -16.72 -17.53 2.05
N GLY A 93 -16.93 -17.47 3.38
CA GLY A 93 -15.88 -17.72 4.30
C GLY A 93 -14.73 -16.74 4.15
N ASP A 94 -13.52 -17.30 4.19
CA ASP A 94 -12.27 -16.55 4.15
C ASP A 94 -11.94 -15.99 2.77
N ARG A 95 -12.70 -16.45 1.75
CA ARG A 95 -12.55 -15.95 0.40
C ARG A 95 -11.15 -16.21 -0.16
N VAL A 96 -10.59 -17.40 0.10
CA VAL A 96 -9.20 -17.69 -0.39
C VAL A 96 -9.25 -17.78 -1.89
N GLY A 97 -8.31 -17.11 -2.61
CA GLY A 97 -8.28 -17.19 -4.11
C GLY A 97 -9.46 -16.60 -4.83
N SER A 98 -10.11 -15.67 -4.15
CA SER A 98 -11.21 -14.94 -4.75
C SER A 98 -10.78 -14.13 -6.00
N THR A 99 -11.66 -14.11 -7.01
CA THR A 99 -11.46 -13.24 -8.19
C THR A 99 -12.67 -12.24 -8.26
N GLN A 100 -13.52 -12.25 -7.22
CA GLN A 100 -14.58 -11.19 -7.12
C GLN A 100 -13.96 -9.92 -6.59
N SER A 101 -14.50 -8.76 -7.00
CA SER A 101 -13.87 -7.49 -6.63
C SER A 101 -14.92 -6.40 -6.62
N GLU A 102 -14.98 -5.64 -5.53
CA GLU A 102 -15.88 -4.49 -5.47
C GLU A 102 -15.62 -3.53 -6.64
N VAL A 103 -14.33 -3.17 -6.83
CA VAL A 103 -13.96 -2.25 -7.87
C VAL A 103 -14.34 -2.81 -9.26
N LYS A 104 -14.12 -4.11 -9.49
CA LYS A 104 -14.47 -4.73 -10.79
C LYS A 104 -15.98 -4.68 -11.04
N ASN A 105 -16.76 -5.02 -10.01
CA ASN A 105 -18.19 -4.93 -10.13
C ASN A 105 -18.61 -3.48 -10.43
N ALA A 106 -17.91 -2.52 -9.81
CA ALA A 106 -18.20 -1.11 -10.00
C ALA A 106 -17.88 -0.60 -11.44
N VAL A 107 -16.68 -0.88 -11.95
CA VAL A 107 -16.23 -0.22 -13.19
C VAL A 107 -15.83 -1.18 -14.29
N GLY A 108 -15.80 -2.46 -14.00
CA GLY A 108 -15.56 -3.46 -15.05
C GLY A 108 -14.09 -3.87 -15.21
N ASP A 109 -13.22 -3.32 -14.37
CA ASP A 109 -11.90 -3.87 -14.28
C ASP A 109 -11.40 -3.86 -12.83
N TYR A 110 -10.39 -4.67 -12.56
CA TYR A 110 -9.75 -4.71 -11.23
C TYR A 110 -8.89 -3.44 -11.04
N PRO A 111 -8.52 -3.09 -9.78
CA PRO A 111 -7.47 -2.07 -9.60
C PRO A 111 -6.16 -2.66 -10.17
N ALA A 112 -5.13 -1.83 -10.40
CA ALA A 112 -3.80 -2.33 -10.75
C ALA A 112 -3.12 -3.00 -9.54
N ILE A 113 -3.30 -2.38 -8.35
CA ILE A 113 -2.62 -2.76 -7.11
C ILE A 113 -3.64 -3.33 -6.12
N PHE A 114 -3.30 -4.52 -5.61
CA PHE A 114 -4.13 -5.30 -4.69
C PHE A 114 -3.41 -5.29 -3.33
N GLY A 115 -4.08 -4.67 -2.35
CA GLY A 115 -3.56 -4.52 -1.00
C GLY A 115 -3.98 -5.62 -0.01
N TRP A 116 -3.04 -6.00 0.81
CA TRP A 116 -3.32 -6.75 2.05
C TRP A 116 -2.44 -6.28 3.19
N ASP A 117 -2.76 -6.78 4.39
CA ASP A 117 -1.98 -6.48 5.57
C ASP A 117 -1.33 -7.72 6.24
N THR A 118 -0.25 -7.49 6.98
CA THR A 118 0.35 -8.56 7.79
C THR A 118 -0.67 -9.24 8.72
N LEU A 119 -1.71 -8.50 9.12
CA LEU A 119 -2.79 -9.08 9.96
C LEU A 119 -3.38 -10.37 9.36
N SER A 120 -3.34 -10.48 8.05
CA SER A 120 -3.80 -11.74 7.42
C SER A 120 -2.98 -12.96 7.83
N LEU A 121 -1.66 -12.76 7.95
CA LEU A 121 -0.72 -13.87 8.28
C LEU A 121 -1.03 -14.37 9.67
N ASP A 122 -1.58 -13.47 10.50
CA ASP A 122 -1.91 -13.80 11.91
C ASP A 122 -3.32 -14.26 12.12
N GLY A 123 -4.11 -14.24 11.05
CA GLY A 123 -5.45 -14.78 11.09
C GLY A 123 -6.54 -13.75 11.38
N TYR A 124 -6.14 -12.48 11.56
CA TYR A 124 -7.09 -11.39 11.88
C TYR A 124 -7.82 -10.74 10.71
N GLU A 125 -7.32 -10.94 9.49
CA GLU A 125 -8.03 -10.43 8.31
C GLU A 125 -8.02 -11.52 7.26
N LYS A 126 -9.01 -11.45 6.35
CA LYS A 126 -9.07 -12.37 5.22
C LYS A 126 -7.78 -12.25 4.35
N PRO A 127 -7.36 -13.35 3.75
CA PRO A 127 -7.96 -14.72 3.83
C PRO A 127 -7.49 -15.62 5.00
N GLY A 128 -6.87 -15.01 6.02
CA GLY A 128 -6.54 -15.75 7.25
C GLY A 128 -7.76 -15.93 8.16
N ASN A 129 -7.64 -16.80 9.16
CA ASN A 129 -8.76 -17.03 10.10
C ASN A 129 -8.12 -17.52 11.37
N GLU A 130 -8.56 -17.05 12.53
CA GLU A 130 -7.90 -17.46 13.78
C GLU A 130 -8.12 -18.95 14.09
N LYS A 131 -9.04 -19.60 13.37
CA LYS A 131 -9.31 -21.03 13.54
C LYS A 131 -8.36 -21.90 12.72
N ASN A 132 -7.55 -21.31 11.85
CA ASN A 132 -6.57 -21.99 11.02
C ASN A 132 -5.24 -22.01 11.78
N SER A 133 -4.43 -22.99 11.47
CA SER A 133 -3.04 -22.98 11.87
C SER A 133 -2.35 -21.79 11.18
N GLN A 134 -1.23 -21.38 11.78
CA GLN A 134 -0.41 -20.32 11.26
C GLN A 134 0.07 -20.68 9.88
N ALA A 135 0.47 -21.95 9.69
CA ALA A 135 0.92 -22.37 8.32
C ALA A 135 -0.22 -22.38 7.28
N GLN A 136 -1.40 -22.79 7.75
CA GLN A 136 -2.58 -22.70 6.91
C GLN A 136 -2.94 -21.22 6.56
N ASN A 137 -2.84 -20.30 7.52
CA ASN A 137 -3.05 -18.88 7.19
C ASN A 137 -2.03 -18.37 6.18
N ARG A 138 -0.79 -18.84 6.30
CA ARG A 138 0.24 -18.34 5.41
C ARG A 138 -0.07 -18.92 4.00
N ALA A 139 -0.53 -20.19 3.96
CA ALA A 139 -0.92 -20.81 2.65
C ALA A 139 -2.04 -20.04 1.97
N ASN A 140 -3.01 -19.61 2.80
CA ASN A 140 -4.17 -18.85 2.30
C ASN A 140 -3.75 -17.54 1.67
N VAL A 141 -2.88 -16.81 2.37
CA VAL A 141 -2.42 -15.50 1.87
C VAL A 141 -1.63 -15.70 0.56
N VAL A 142 -0.72 -16.68 0.56
CA VAL A 142 0.07 -17.04 -0.65
C VAL A 142 -0.89 -17.37 -1.82
N GLN A 143 -1.92 -18.18 -1.57
CA GLN A 143 -2.94 -18.52 -2.59
C GLN A 143 -3.67 -17.32 -3.18
N SER A 144 -4.15 -16.45 -2.29
CA SER A 144 -4.89 -15.26 -2.75
C SER A 144 -3.98 -14.32 -3.56
N MET A 145 -2.73 -14.13 -3.13
CA MET A 145 -1.78 -13.28 -3.88
C MET A 145 -1.36 -13.96 -5.21
N ARG A 146 -1.08 -15.27 -5.19
CA ARG A 146 -0.92 -16.02 -6.48
C ARG A 146 -2.01 -15.79 -7.51
N THR A 147 -3.27 -15.95 -7.09
CA THR A 147 -4.42 -15.71 -7.94
C THR A 147 -4.39 -14.29 -8.55
N VAL A 148 -4.06 -13.30 -7.72
CA VAL A 148 -4.07 -11.94 -8.21
C VAL A 148 -2.86 -11.71 -9.17
N HIS A 149 -1.71 -12.26 -8.82
CA HIS A 149 -0.56 -12.21 -9.70
C HIS A 149 -0.93 -12.78 -11.07
N GLU A 150 -1.60 -13.93 -11.09
CA GLU A 150 -2.04 -14.59 -12.32
C GLU A 150 -2.98 -13.67 -13.13
N LEU A 151 -3.77 -12.83 -12.44
CA LEU A 151 -4.64 -11.85 -13.10
C LEU A 151 -3.83 -10.74 -13.73
N GLY A 152 -2.62 -10.51 -13.20
CA GLY A 152 -1.69 -9.51 -13.71
C GLY A 152 -1.56 -8.34 -12.74
N GLY A 153 -2.18 -8.47 -11.56
CA GLY A 153 -2.09 -7.45 -10.52
C GLY A 153 -0.73 -7.32 -9.86
N ILE A 154 -0.57 -6.23 -9.10
CA ILE A 154 0.63 -5.93 -8.30
C ILE A 154 0.18 -5.98 -6.82
N ILE A 155 1.00 -6.59 -5.99
CA ILE A 155 0.75 -6.77 -4.57
C ILE A 155 1.41 -5.69 -3.69
N ALA A 156 0.62 -5.05 -2.83
CA ALA A 156 1.14 -4.16 -1.77
C ALA A 156 0.76 -4.71 -0.40
N LEU A 157 1.75 -4.78 0.48
CA LEU A 157 1.60 -5.35 1.80
C LEU A 157 1.88 -4.27 2.84
N SER A 158 0.79 -3.85 3.47
CA SER A 158 0.86 -3.00 4.69
C SER A 158 1.10 -3.82 5.96
N MET A 159 1.48 -3.17 7.08
CA MET A 159 1.66 -3.93 8.33
C MET A 159 0.96 -3.22 9.49
N HIS A 160 0.29 -4.00 10.34
CA HIS A 160 -0.27 -3.51 11.64
C HIS A 160 0.10 -4.53 12.73
N PRO A 161 1.40 -4.59 13.07
CA PRO A 161 1.83 -5.60 14.02
C PRO A 161 1.26 -5.40 15.40
N GLU A 162 1.12 -6.51 16.12
CA GLU A 162 0.64 -6.50 17.50
C GLU A 162 1.61 -5.70 18.37
N ASN A 163 1.07 -5.25 19.48
CA ASN A 163 1.89 -4.69 20.51
C ASN A 163 2.68 -5.86 21.11
N PHE A 164 3.97 -5.94 20.79
CA PHE A 164 4.77 -7.09 21.25
C PHE A 164 4.90 -7.13 22.78
N VAL A 165 4.76 -5.96 23.41
CA VAL A 165 4.85 -5.85 24.88
C VAL A 165 3.58 -6.31 25.61
N THR A 166 2.43 -5.76 25.25
CA THR A 166 1.17 -5.93 26.00
C THR A 166 0.31 -7.08 25.47
N GLY A 167 0.66 -7.52 24.26
CA GLY A 167 -0.11 -8.52 23.54
C GLY A 167 -1.40 -8.00 22.91
N ASN A 168 -1.69 -6.70 23.04
CA ASN A 168 -2.81 -6.12 22.30
C ASN A 168 -2.39 -5.76 20.85
N GLN A 169 -3.21 -4.96 20.17
CA GLN A 169 -2.96 -4.71 18.76
C GLN A 169 -2.20 -3.41 18.50
N TYR A 170 -2.03 -3.12 17.20
CA TYR A 170 -1.33 -1.90 16.70
C TYR A 170 -1.73 -0.59 17.42
N ASN A 171 -2.99 -0.52 17.86
CA ASN A 171 -3.61 0.69 18.41
C ASN A 171 -3.37 0.84 19.92
N ASP A 172 -2.86 -0.20 20.56
CA ASP A 172 -2.38 -0.03 21.94
C ASP A 172 -0.95 0.54 21.89
N THR A 173 -0.80 1.80 22.32
CA THR A 173 0.48 2.46 22.15
C THR A 173 1.43 2.35 23.34
N SER A 174 0.99 1.69 24.42
CA SER A 174 1.75 1.68 25.68
C SER A 174 2.88 0.68 25.62
N GLY A 175 3.73 0.67 26.65
CA GLY A 175 4.69 -0.43 26.77
C GLY A 175 6.08 -0.15 26.25
N ASP A 176 6.28 1.06 25.70
CA ASP A 176 7.55 1.44 25.11
C ASP A 176 8.02 0.35 24.10
N VAL A 177 7.20 0.06 23.08
CA VAL A 177 7.41 -1.14 22.25
C VAL A 177 8.68 -1.14 21.42
N VAL A 178 8.95 -0.02 20.75
CA VAL A 178 10.07 0.04 19.80
C VAL A 178 11.44 -0.17 20.50
N LYS A 179 11.66 0.57 21.59
CA LYS A 179 12.86 0.38 22.44
C LYS A 179 13.03 -1.08 22.82
N ASN A 180 11.92 -1.70 23.25
CA ASN A 180 11.85 -3.10 23.62
C ASN A 180 12.10 -4.16 22.52
N ILE A 181 11.72 -3.87 21.29
CA ILE A 181 11.92 -4.84 20.21
C ILE A 181 13.22 -4.67 19.40
N LEU A 182 13.90 -3.53 19.57
CA LEU A 182 15.21 -3.29 18.99
C LEU A 182 16.27 -4.23 19.59
N PRO A 183 17.39 -4.48 18.86
CA PRO A 183 18.41 -5.49 19.26
C PRO A 183 18.76 -5.52 20.76
N ASP A 184 18.81 -4.36 21.40
CA ASP A 184 19.19 -4.38 22.80
C ASP A 184 18.02 -4.35 23.76
N GLY A 185 16.83 -4.70 23.27
CA GLY A 185 15.60 -4.72 24.06
C GLY A 185 15.17 -6.15 24.42
N SER A 186 14.34 -6.24 25.46
CA SER A 186 13.96 -7.50 26.12
C SER A 186 12.91 -8.29 25.32
N HIS A 187 12.24 -7.60 24.40
CA HIS A 187 11.29 -8.26 23.51
C HIS A 187 11.85 -8.48 22.11
N HIS A 188 13.17 -8.43 21.98
CA HIS A 188 13.77 -8.50 20.67
C HIS A 188 13.47 -9.80 19.90
N GLU A 189 13.61 -10.95 20.57
CA GLU A 189 13.43 -12.24 19.93
C GLU A 189 11.98 -12.50 19.46
N VAL A 190 10.97 -12.03 20.21
CA VAL A 190 9.56 -12.14 19.79
C VAL A 190 9.29 -11.39 18.45
N PHE A 191 9.95 -10.26 18.27
CA PHE A 191 9.86 -9.47 17.03
C PHE A 191 10.57 -10.17 15.87
N ASN A 192 11.77 -10.76 16.10
CA ASN A 192 12.46 -11.58 15.09
C ASN A 192 11.60 -12.74 14.59
N ALA A 193 10.89 -13.37 15.53
CA ALA A 193 10.02 -14.51 15.26
C ALA A 193 8.86 -14.08 14.36
N TRP A 194 8.34 -12.87 14.59
CA TRP A 194 7.29 -12.28 13.73
C TRP A 194 7.83 -12.03 12.30
N LEU A 195 8.97 -11.36 12.21
CA LEU A 195 9.69 -11.18 10.95
C LEU A 195 9.99 -12.50 10.29
N ASP A 196 10.34 -13.51 11.09
CA ASP A 196 10.51 -14.88 10.53
C ASP A 196 9.30 -15.42 9.77
N ASN A 197 8.10 -15.15 10.29
CA ASN A 197 6.89 -15.52 9.57
C ASN A 197 6.64 -14.65 8.32
N ILE A 198 7.02 -13.38 8.37
CA ILE A 198 6.98 -12.58 7.16
C ILE A 198 7.91 -13.16 6.09
N ALA A 199 9.15 -13.51 6.49
CA ALA A 199 10.14 -14.08 5.62
C ALA A 199 9.69 -15.39 5.02
N ALA A 200 9.12 -16.24 5.87
CA ALA A 200 8.54 -17.55 5.46
C ALA A 200 7.50 -17.34 4.38
N PHE A 201 6.54 -16.45 4.64
CA PHE A 201 5.62 -15.96 3.60
C PHE A 201 6.28 -15.49 2.27
N ALA A 202 7.29 -14.62 2.37
CA ALA A 202 7.91 -14.01 1.20
C ALA A 202 8.57 -15.07 0.27
N HIS A 203 9.25 -16.03 0.90
CA HIS A 203 9.92 -17.15 0.18
C HIS A 203 8.93 -18.15 -0.45
N GLU A 204 7.73 -18.26 0.14
CA GLU A 204 6.69 -19.12 -0.43
C GLU A 204 5.94 -18.49 -1.58
N LEU A 205 6.05 -17.15 -1.69
CA LEU A 205 5.23 -16.42 -2.66
C LEU A 205 5.89 -16.47 -4.03
N THR A 206 5.75 -17.61 -4.69
CA THR A 206 6.31 -17.78 -6.04
C THR A 206 5.19 -17.98 -7.05
N ASP A 207 5.47 -17.61 -8.31
CA ASP A 207 4.62 -17.94 -9.43
C ASP A 207 4.78 -19.45 -9.73
N GLN A 208 3.66 -20.19 -9.73
CA GLN A 208 3.65 -21.64 -9.95
C GLN A 208 3.92 -22.02 -11.41
N SER A 209 3.54 -21.17 -12.37
CA SER A 209 3.81 -21.45 -13.81
C SER A 209 5.19 -21.02 -14.33
N THR A 210 5.87 -20.11 -13.60
CA THR A 210 7.20 -19.61 -14.02
C THR A 210 8.33 -19.87 -13.02
N GLY A 211 8.01 -20.17 -11.77
CA GLY A 211 9.02 -20.30 -10.70
C GLY A 211 9.47 -18.97 -10.09
N GLU A 212 9.04 -17.88 -10.71
CA GLU A 212 9.44 -16.57 -10.24
C GLU A 212 8.84 -16.15 -8.88
N LEU A 213 9.66 -15.53 -8.07
CA LEU A 213 9.21 -14.82 -6.91
C LEU A 213 8.25 -13.67 -7.31
N ILE A 214 7.17 -13.56 -6.57
CA ILE A 214 6.16 -12.51 -6.81
C ILE A 214 6.61 -11.29 -5.99
N PRO A 215 6.72 -10.11 -6.64
CA PRO A 215 7.25 -9.01 -5.83
C PRO A 215 6.13 -8.48 -4.91
N VAL A 216 6.53 -7.85 -3.82
CA VAL A 216 5.64 -7.23 -2.83
C VAL A 216 6.16 -5.83 -2.53
N ILE A 217 5.26 -4.83 -2.59
CA ILE A 217 5.62 -3.50 -2.11
C ILE A 217 5.34 -3.48 -0.61
N PHE A 218 6.39 -3.44 0.20
CA PHE A 218 6.28 -3.64 1.65
C PHE A 218 6.46 -2.28 2.32
N ARG A 219 5.61 -1.97 3.30
CA ARG A 219 5.60 -0.62 3.89
C ARG A 219 5.72 -0.68 5.43
N PRO A 220 6.96 -0.73 5.95
CA PRO A 220 7.10 -0.80 7.41
C PRO A 220 6.59 0.44 8.15
N PHE A 221 5.87 0.17 9.24
CA PHE A 221 5.67 1.16 10.28
C PHE A 221 5.28 2.55 9.75
N HIS A 222 4.10 2.60 9.16
CA HIS A 222 3.60 3.79 8.49
C HIS A 222 2.95 4.83 9.44
N GLU A 223 2.70 6.03 8.89
CA GLU A 223 2.09 7.13 9.65
C GLU A 223 2.78 7.38 11.00
N GLN A 224 4.12 7.25 10.96
CA GLN A 224 4.94 7.23 12.17
C GLN A 224 5.08 8.63 12.80
N ASN A 225 4.62 9.67 12.12
CA ASN A 225 4.66 11.03 12.72
C ASN A 225 3.43 11.19 13.63
N GLY A 226 2.41 10.38 13.40
CA GLY A 226 1.22 10.35 14.25
C GLY A 226 1.48 9.57 15.50
N GLY A 227 0.49 9.59 16.42
CA GLY A 227 0.64 8.92 17.66
C GLY A 227 -0.45 7.87 17.90
N TRP A 228 -1.08 7.36 16.86
CA TRP A 228 -2.09 6.37 16.99
C TRP A 228 -1.59 4.92 16.81
N PHE A 229 -0.33 4.74 16.44
CA PHE A 229 0.29 3.40 16.44
C PHE A 229 1.40 3.35 17.49
N TRP A 230 1.71 2.17 18.00
CA TRP A 230 2.76 2.09 19.03
C TRP A 230 4.15 2.46 18.55
N TRP A 231 4.37 2.47 17.23
CA TRP A 231 5.63 2.92 16.67
C TRP A 231 5.62 4.40 16.31
N GLY A 232 4.54 5.07 16.66
CA GLY A 232 4.34 6.48 16.36
C GLY A 232 5.12 7.42 17.28
N ALA A 233 5.02 8.71 16.98
CA ALA A 233 5.92 9.69 17.55
C ALA A 233 5.62 10.08 19.00
N GLN A 234 4.41 9.78 19.49
CA GLN A 234 4.13 10.00 20.93
C GLN A 234 4.87 9.03 21.83
N THR A 235 5.28 7.89 21.27
CA THR A 235 5.83 6.84 22.10
C THR A 235 7.23 6.42 21.66
N THR A 236 7.67 6.91 20.51
CA THR A 236 8.93 6.50 19.89
C THR A 236 9.76 7.73 19.46
N THR A 237 11.07 7.76 19.78
CA THR A 237 11.96 8.86 19.35
C THR A 237 12.22 8.72 17.82
N ALA A 238 12.40 9.83 17.12
CA ALA A 238 12.85 9.76 15.72
C ALA A 238 13.98 8.76 15.54
N SER A 239 14.92 8.76 16.46
CA SER A 239 16.11 7.95 16.29
C SER A 239 15.85 6.44 16.58
N GLU A 240 14.94 6.14 17.52
CA GLU A 240 14.46 4.74 17.71
C GLU A 240 13.72 4.27 16.46
N TYR A 241 12.94 5.18 15.86
CA TYR A 241 12.22 4.82 14.65
C TYR A 241 13.17 4.46 13.52
N LYS A 242 14.09 5.39 13.23
CA LYS A 242 15.07 5.11 12.20
C LYS A 242 15.70 3.74 12.41
N ALA A 243 16.05 3.43 13.65
CA ALA A 243 16.70 2.16 13.97
C ALA A 243 15.78 0.98 13.64
N LEU A 244 14.50 1.12 14.01
CA LEU A 244 13.49 0.11 13.77
C LEU A 244 13.28 -0.16 12.27
N TYR A 245 13.09 0.91 11.47
CA TYR A 245 12.99 0.76 10.01
C TYR A 245 14.23 0.04 9.40
N ARG A 246 15.44 0.51 9.72
CA ARG A 246 16.69 -0.11 9.22
C ARG A 246 16.83 -1.58 9.62
N TYR A 247 16.55 -1.85 10.89
CA TYR A 247 16.58 -3.24 11.37
C TYR A 247 15.66 -4.16 10.59
N THR A 248 14.43 -3.72 10.36
CA THR A 248 13.45 -4.52 9.61
C THR A 248 14.01 -4.86 8.24
N VAL A 249 14.52 -3.84 7.54
CA VAL A 249 15.12 -4.04 6.21
C VAL A 249 16.33 -4.98 6.31
N ASP A 250 17.23 -4.70 7.25
CA ASP A 250 18.46 -5.49 7.35
C ASP A 250 18.17 -6.94 7.68
N TYR A 251 17.24 -7.17 8.61
CA TYR A 251 16.90 -8.55 9.02
C TYR A 251 16.23 -9.33 7.91
N LEU A 252 15.23 -8.73 7.25
CA LEU A 252 14.54 -9.45 6.19
C LEU A 252 15.46 -9.72 5.00
N ARG A 253 16.27 -8.73 4.65
CA ARG A 253 17.07 -8.79 3.44
C ARG A 253 18.27 -9.68 3.64
N ASP A 254 18.96 -9.49 4.77
CA ASP A 254 20.32 -10.00 4.95
C ASP A 254 20.29 -11.26 5.81
N VAL A 255 19.58 -11.19 6.93
CA VAL A 255 19.43 -12.36 7.78
C VAL A 255 18.54 -13.44 7.16
N LYS A 256 17.37 -13.04 6.62
CA LYS A 256 16.41 -14.01 6.08
C LYS A 256 16.46 -14.15 4.57
N GLY A 257 17.22 -13.32 3.86
CA GLY A 257 17.35 -13.54 2.43
C GLY A 257 16.15 -13.22 1.52
N VAL A 258 15.25 -12.36 2.01
CA VAL A 258 14.07 -11.92 1.27
C VAL A 258 14.54 -11.03 0.15
N ASN A 259 14.22 -11.43 -1.07
CA ASN A 259 14.69 -10.70 -2.26
C ASN A 259 13.56 -10.18 -3.13
N ASN A 260 12.34 -10.30 -2.60
CA ASN A 260 11.21 -9.96 -3.41
C ASN A 260 10.37 -8.79 -2.85
N PHE A 261 11.02 -7.95 -2.06
CA PHE A 261 10.42 -6.72 -1.50
C PHE A 261 10.94 -5.42 -2.09
N LEU A 262 10.00 -4.51 -2.37
CA LEU A 262 10.37 -3.09 -2.51
C LEU A 262 9.94 -2.44 -1.19
N TYR A 263 10.70 -1.43 -0.72
CA TYR A 263 10.42 -0.76 0.57
C TYR A 263 9.85 0.69 0.46
N ALA A 264 8.66 0.86 1.04
CA ALA A 264 7.91 2.12 1.05
C ALA A 264 7.97 2.78 2.44
N PHE A 265 8.23 4.09 2.48
CA PHE A 265 8.31 4.93 3.69
C PHE A 265 7.15 5.90 3.58
N SER A 266 6.20 5.91 4.52
CA SER A 266 5.01 6.77 4.36
C SER A 266 4.47 7.45 5.63
N PRO A 267 5.03 8.64 6.00
CA PRO A 267 4.44 9.47 7.06
C PRO A 267 3.04 9.93 6.66
N ASN A 268 2.27 10.31 7.69
CA ASN A 268 0.95 10.85 7.51
CA ASN A 268 0.94 10.87 7.53
C ASN A 268 0.95 12.39 7.25
N ALA A 269 0.28 12.78 6.18
CA ALA A 269 0.13 14.18 5.81
C ALA A 269 -1.05 14.72 6.65
N PRO A 270 -1.29 16.06 6.64
CA PRO A 270 -0.56 17.12 5.88
C PRO A 270 0.75 17.57 6.47
N PHE A 271 1.61 18.09 5.57
CA PHE A 271 2.94 18.61 5.91
C PHE A 271 3.08 20.13 5.67
N ASP A 272 2.05 20.78 5.14
CA ASP A 272 2.16 22.19 4.69
C ASP A 272 3.39 22.39 3.82
N GLY A 273 3.76 21.36 3.05
CA GLY A 273 4.93 21.39 2.19
C GLY A 273 6.24 21.51 2.91
N ASN A 274 6.23 21.37 4.23
CA ASN A 274 7.46 21.30 5.03
C ASN A 274 8.14 19.93 4.95
N LEU A 275 9.23 19.82 4.20
CA LEU A 275 9.98 18.53 4.05
C LEU A 275 10.66 18.02 5.35
N THR A 276 10.95 18.94 6.27
CA THR A 276 11.64 18.58 7.50
C THR A 276 10.73 17.67 8.34
N GLN A 277 9.45 18.05 8.42
CA GLN A 277 8.46 17.27 9.14
C GLN A 277 8.32 15.84 8.53
N TYR A 278 8.43 15.78 7.21
CA TYR A 278 8.35 14.53 6.43
C TYR A 278 9.59 13.64 6.69
N LEU A 279 10.77 14.25 6.70
CA LEU A 279 12.02 13.49 6.84
C LEU A 279 12.48 13.29 8.29
N ARG A 280 11.73 13.83 9.26
CA ARG A 280 12.15 13.71 10.68
C ARG A 280 12.54 12.24 11.02
N THR A 281 11.84 11.27 10.43
CA THR A 281 12.10 9.86 10.71
C THR A 281 12.74 9.03 9.56
N TYR A 282 13.23 9.73 8.53
CA TYR A 282 13.83 9.12 7.38
C TYR A 282 15.02 8.25 7.78
N PRO A 283 14.95 6.92 7.49
CA PRO A 283 16.10 6.05 7.86
C PRO A 283 17.28 6.16 6.90
N GLY A 284 17.12 6.86 5.80
CA GLY A 284 18.22 7.03 4.87
C GLY A 284 18.02 6.44 3.48
N ASP A 285 18.78 7.01 2.54
CA ASP A 285 18.70 6.64 1.12
C ASP A 285 18.78 5.14 0.87
N GLN A 286 19.56 4.42 1.69
CA GLN A 286 19.87 3.00 1.45
C GLN A 286 18.75 2.12 1.92
N TYR A 287 17.71 2.70 2.50
CA TYR A 287 16.63 1.92 3.17
C TYR A 287 15.21 2.09 2.57
N VAL A 288 15.09 3.01 1.62
CA VAL A 288 13.83 3.40 1.02
C VAL A 288 13.81 3.33 -0.50
N ASP A 289 12.81 2.66 -1.07
CA ASP A 289 12.62 2.59 -2.51
C ASP A 289 11.55 3.61 -2.94
N ILE A 290 10.56 3.78 -2.08
CA ILE A 290 9.38 4.55 -2.46
C ILE A 290 9.03 5.54 -1.36
N PHE A 291 8.96 6.82 -1.73
CA PHE A 291 8.46 7.83 -0.82
C PHE A 291 6.96 7.93 -0.95
N GLY A 292 6.29 7.68 0.16
CA GLY A 292 4.86 7.85 0.18
C GLY A 292 4.37 8.82 1.24
N LEU A 293 3.06 9.09 1.19
CA LEU A 293 2.35 9.74 2.27
C LEU A 293 0.92 9.20 2.31
N ASP A 294 0.31 9.26 3.49
CA ASP A 294 -1.06 8.80 3.72
C ASP A 294 -1.88 10.04 4.05
N GLN A 295 -3.07 10.14 3.48
CA GLN A 295 -3.89 11.29 3.76
C GLN A 295 -5.34 10.96 3.43
N TYR A 296 -6.22 11.19 4.38
CA TYR A 296 -7.67 11.06 4.16
C TYR A 296 -8.33 12.41 4.29
N ASP A 297 -9.44 12.61 3.57
CA ASP A 297 -10.26 13.86 3.69
C ASP A 297 -11.15 13.81 4.96
N ASN A 298 -12.10 14.75 5.03
CA ASN A 298 -12.96 14.98 6.17
C ASN A 298 -14.34 14.42 5.80
N LYS A 299 -14.92 13.56 6.62
CA LYS A 299 -16.15 12.85 6.23
C LYS A 299 -17.35 13.82 6.04
N ALA A 300 -17.51 14.78 6.96
CA ALA A 300 -18.62 15.74 6.98
C ALA A 300 -18.51 16.85 5.95
N ASN A 301 -17.30 17.14 5.50
CA ASN A 301 -17.15 18.23 4.56
C ASN A 301 -15.93 17.99 3.65
N ALA A 302 -16.06 16.96 2.82
CA ALA A 302 -14.96 16.57 1.91
C ALA A 302 -14.93 17.42 0.66
N GLY A 303 -13.83 17.31 -0.08
CA GLY A 303 -13.74 17.86 -1.44
C GLY A 303 -13.41 19.34 -1.53
N GLN A 304 -13.00 19.94 -0.41
CA GLN A 304 -12.82 21.42 -0.30
C GLN A 304 -11.38 21.83 -0.61
N ALA A 305 -11.22 23.13 -0.86
CA ALA A 305 -9.96 23.71 -1.32
C ALA A 305 -8.79 23.32 -0.45
N THR A 306 -8.90 23.55 0.86
CA THR A 306 -7.81 23.33 1.82
C THR A 306 -7.20 21.93 1.64
N PHE A 307 -8.07 20.92 1.76
CA PHE A 307 -7.63 19.55 1.54
C PHE A 307 -7.00 19.31 0.16
N LEU A 308 -7.67 19.72 -0.92
CA LEU A 308 -7.11 19.51 -2.26
C LEU A 308 -5.80 20.25 -2.49
N ASN A 309 -5.71 21.49 -1.99
CA ASN A 309 -4.48 22.28 -2.14
C ASN A 309 -3.32 21.68 -1.38
N GLY A 310 -3.56 21.24 -0.15
CA GLY A 310 -2.55 20.62 0.68
C GLY A 310 -2.05 19.34 0.02
N LEU A 311 -2.96 18.59 -0.58
CA LEU A 311 -2.62 17.40 -1.33
C LEU A 311 -1.69 17.74 -2.52
N THR A 312 -2.05 18.72 -3.33
CA THR A 312 -1.16 19.13 -4.45
C THR A 312 0.22 19.50 -3.92
N GLN A 313 0.23 20.31 -2.85
CA GLN A 313 1.45 20.79 -2.24
C GLN A 313 2.35 19.67 -1.68
N ASP A 314 1.74 18.70 -0.99
CA ASP A 314 2.52 17.68 -0.30
C ASP A 314 2.97 16.59 -1.26
N LEU A 315 2.13 16.24 -2.24
CA LEU A 315 2.58 15.33 -3.32
C LEU A 315 3.68 15.95 -4.25
N ALA A 316 3.59 17.26 -4.50
CA ALA A 316 4.63 17.96 -5.23
C ALA A 316 5.93 17.83 -4.43
N MET A 317 5.85 18.00 -3.11
CA MET A 317 7.02 17.89 -2.25
C MET A 317 7.72 16.52 -2.30
N ILE A 318 6.95 15.42 -2.21
CA ILE A 318 7.61 14.12 -2.13
C ILE A 318 8.04 13.70 -3.54
N SER A 319 7.36 14.22 -4.55
CA SER A 319 7.80 14.00 -5.92
C SER A 319 9.15 14.67 -6.20
N LYS A 320 9.33 15.92 -5.76
CA LYS A 320 10.68 16.51 -5.84
C LYS A 320 11.74 15.75 -5.05
N LEU A 321 11.38 15.24 -3.89
CA LEU A 321 12.29 14.47 -3.05
C LEU A 321 12.69 13.22 -3.83
N ALA A 322 11.71 12.48 -4.33
CA ALA A 322 11.95 11.31 -5.18
C ALA A 322 12.86 11.65 -6.37
N ASP A 323 12.59 12.78 -7.04
CA ASP A 323 13.40 13.15 -8.22
C ASP A 323 14.91 13.28 -7.93
N GLU A 324 15.25 14.10 -6.94
CA GLU A 324 16.65 14.38 -6.65
C GLU A 324 17.36 13.20 -5.99
N LYS A 325 16.57 12.28 -5.41
CA LYS A 325 17.05 11.03 -4.81
C LYS A 325 17.05 9.85 -5.78
N GLY A 326 16.45 10.00 -6.97
CA GLY A 326 16.43 8.93 -7.97
C GLY A 326 15.49 7.82 -7.49
N LYS A 327 14.43 8.18 -6.78
CA LYS A 327 13.47 7.21 -6.24
C LYS A 327 12.06 7.38 -6.85
N ILE A 328 11.09 6.70 -6.26
CA ILE A 328 9.66 6.72 -6.71
C ILE A 328 8.87 7.42 -5.60
N ALA A 329 7.83 8.16 -5.99
CA ALA A 329 6.88 8.73 -5.02
C ALA A 329 5.47 8.13 -5.23
N ALA A 330 4.65 8.03 -4.16
CA ALA A 330 3.32 7.41 -4.29
C ALA A 330 2.36 7.93 -3.22
N PHE A 331 1.09 7.86 -3.50
CA PHE A 331 0.07 8.28 -2.56
C PHE A 331 -0.34 6.93 -1.91
N THR A 332 0.42 6.51 -0.88
CA THR A 332 0.35 5.12 -0.37
C THR A 332 -1.01 4.78 0.35
N GLU A 333 -1.69 5.78 0.90
CA GLU A 333 -3.07 5.61 1.36
C GLU A 333 -3.80 6.91 1.16
N TYR A 334 -4.97 6.84 0.53
CA TYR A 334 -5.86 7.94 0.48
C TYR A 334 -7.28 7.46 0.58
N GLY A 335 -8.16 8.37 0.97
CA GLY A 335 -9.57 8.01 1.00
C GLY A 335 -10.48 9.12 1.46
N TYR A 336 -11.76 8.91 1.22
CA TYR A 336 -12.79 9.93 1.51
C TYR A 336 -12.64 10.46 2.94
N SER A 337 -12.40 9.56 3.89
CA SER A 337 -12.09 10.01 5.25
C SER A 337 -11.56 8.79 5.99
N PRO A 338 -11.04 8.96 7.22
CA PRO A 338 -10.56 7.81 8.02
C PRO A 338 -11.71 6.90 8.40
N GLN A 339 -12.94 7.41 8.30
CA GLN A 339 -14.14 6.58 8.57
C GLN A 339 -14.92 6.29 7.31
N GLY A 340 -14.24 6.36 6.17
CA GLY A 340 -14.87 6.16 4.88
C GLY A 340 -15.85 7.25 4.43
N PHE A 341 -16.65 6.94 3.41
CA PHE A 341 -17.60 7.89 2.88
C PHE A 341 -18.97 7.68 3.53
N ASN A 342 -19.88 8.60 3.26
CA ASN A 342 -21.21 8.58 3.89
C ASN A 342 -22.15 7.71 3.02
N GLU A 343 -23.22 7.21 3.63
CA GLU A 343 -24.22 6.44 2.92
C GLU A 343 -24.78 7.34 1.79
N THR A 344 -25.09 8.58 2.15
CA THR A 344 -25.57 9.60 1.22
C THR A 344 -25.07 10.94 1.70
N GLY A 345 -25.17 11.93 0.81
CA GLY A 345 -24.90 13.32 1.12
C GLY A 345 -23.40 13.62 1.02
N ASN A 346 -22.69 12.78 0.27
CA ASN A 346 -21.28 13.03 -0.04
C ASN A 346 -21.05 14.18 -1.02
N TYR A 347 -19.83 14.71 -1.03
CA TYR A 347 -19.30 15.53 -2.14
C TYR A 347 -19.17 14.63 -3.42
N LEU A 348 -20.04 14.85 -4.43
CA LEU A 348 -20.22 13.83 -5.45
C LEU A 348 -19.11 13.83 -6.48
N GLN A 349 -18.26 14.87 -6.47
CA GLN A 349 -17.15 14.92 -7.42
C GLN A 349 -15.82 14.41 -6.82
N TRP A 350 -15.88 13.66 -5.72
CA TRP A 350 -14.68 13.43 -4.89
C TRP A 350 -13.51 12.78 -5.60
N TYR A 351 -13.79 11.66 -6.27
CA TYR A 351 -12.73 10.88 -6.89
C TYR A 351 -12.00 11.70 -7.96
N THR A 352 -12.74 12.38 -8.83
CA THR A 352 -12.10 13.19 -9.88
C THR A 352 -11.42 14.44 -9.32
N ALA A 353 -11.99 14.97 -8.24
CA ALA A 353 -11.42 16.19 -7.64
C ALA A 353 -10.03 15.86 -7.13
N VAL A 354 -9.88 14.69 -6.54
CA VAL A 354 -8.58 14.27 -6.00
C VAL A 354 -7.60 14.08 -7.15
N LEU A 355 -8.02 13.41 -8.23
CA LEU A 355 -7.16 13.12 -9.37
C LEU A 355 -6.74 14.43 -10.09
N GLU A 356 -7.70 15.35 -10.23
CA GLU A 356 -7.42 16.73 -10.77
C GLU A 356 -6.35 17.47 -9.92
N ALA A 357 -6.45 17.39 -8.59
CA ALA A 357 -5.51 18.11 -7.71
C ALA A 357 -4.07 17.63 -7.93
N ILE A 358 -3.95 16.39 -8.37
CA ILE A 358 -2.65 15.75 -8.58
C ILE A 358 -2.16 16.11 -9.99
N LYS A 359 -3.03 15.87 -10.97
CA LYS A 359 -2.78 16.05 -12.40
C LYS A 359 -2.28 17.47 -12.74
N LYS A 360 -2.82 18.48 -12.03
CA LYS A 360 -2.60 19.90 -12.36
C LYS A 360 -1.17 20.35 -12.07
N ASP A 361 -0.39 19.55 -11.35
CA ASP A 361 0.93 19.95 -10.90
C ASP A 361 2.01 19.09 -11.53
N PRO A 362 3.04 19.75 -12.08
CA PRO A 362 4.06 19.06 -12.86
C PRO A 362 4.90 18.15 -12.00
N ASN A 363 4.94 18.38 -10.68
CA ASN A 363 5.69 17.49 -9.79
C ASN A 363 4.76 16.40 -9.22
N ALA A 364 3.66 16.85 -8.64
CA ALA A 364 2.65 15.97 -8.01
C ALA A 364 2.18 14.89 -9.00
N SER A 365 1.98 15.25 -10.27
CA SER A 365 1.51 14.30 -11.29
C SER A 365 2.54 13.23 -11.63
N ARG A 366 3.75 13.34 -11.08
CA ARG A 366 4.70 12.25 -11.30
C ARG A 366 4.59 11.10 -10.29
N ILE A 367 3.63 11.14 -9.36
CA ILE A 367 3.46 9.96 -8.46
C ILE A 367 3.09 8.71 -9.28
N ALA A 368 3.52 7.54 -8.78
CA ALA A 368 3.42 6.30 -9.52
C ALA A 368 2.06 5.56 -9.25
N TYR A 369 1.52 5.75 -8.05
CA TYR A 369 0.27 5.05 -7.63
C TYR A 369 -0.40 5.74 -6.47
N MET A 370 -1.67 5.37 -6.31
CA MET A 370 -2.51 5.90 -5.20
C MET A 370 -3.48 4.80 -4.84
N GLN A 371 -3.57 4.53 -3.55
CA GLN A 371 -4.28 3.34 -3.08
C GLN A 371 -5.28 3.73 -2.02
N THR A 372 -6.52 3.27 -2.19
CA THR A 372 -7.52 3.48 -1.18
C THR A 372 -7.83 2.24 -0.33
N TRP A 373 -8.55 2.42 0.76
CA TRP A 373 -8.65 1.41 1.79
C TRP A 373 -9.79 0.38 1.63
N ALA A 374 -9.86 -0.55 2.58
CA ALA A 374 -10.70 -1.75 2.46
C ALA A 374 -12.18 -1.46 2.78
N ASN A 375 -13.07 -2.06 2.00
CA ASN A 375 -14.50 -1.92 2.13
C ASN A 375 -14.98 -2.98 3.15
N PHE A 376 -14.52 -2.85 4.40
CA PHE A 376 -14.97 -3.76 5.45
C PHE A 376 -16.48 -3.52 5.78
N GLY A 377 -17.00 -2.34 5.44
CA GLY A 377 -18.44 -2.02 5.63
C GLY A 377 -18.70 -0.71 6.36
N TYR A 378 -19.95 -0.23 6.34
CA TYR A 378 -20.34 0.88 7.17
C TYR A 378 -20.25 0.43 8.65
N PRO A 379 -20.17 1.37 9.60
CA PRO A 379 -20.21 2.84 9.52
C PRO A 379 -18.85 3.52 9.24
N THR A 380 -17.73 2.80 9.26
CA THR A 380 -16.42 3.49 9.21
C THR A 380 -15.47 2.96 8.09
N ASN A 381 -15.91 1.98 7.32
CA ASN A 381 -15.00 1.34 6.34
C ASN A 381 -15.63 1.15 4.97
N MET A 382 -16.16 2.22 4.41
CA MET A 382 -16.49 2.17 3.01
C MET A 382 -15.67 3.19 2.21
N PHE A 383 -14.90 2.71 1.21
CA PHE A 383 -13.95 3.54 0.47
C PHE A 383 -14.15 3.63 -1.07
N VAL A 384 -14.62 2.54 -1.66
CA VAL A 384 -14.90 2.47 -3.05
C VAL A 384 -16.43 2.34 -3.16
N PRO A 385 -17.08 3.15 -4.03
CA PRO A 385 -18.56 3.05 -4.12
C PRO A 385 -19.01 1.73 -4.80
N TYR A 386 -20.25 1.30 -4.55
CA TYR A 386 -20.63 0.00 -5.10
C TYR A 386 -21.65 0.10 -6.20
N ARG A 387 -21.59 -0.87 -7.12
CA ARG A 387 -22.65 -1.09 -8.11
C ARG A 387 -23.49 -2.27 -7.56
N ASP A 388 -24.77 -2.05 -7.45
CA ASP A 388 -25.70 -3.02 -6.76
C ASP A 388 -26.06 -4.25 -7.65
N VAL A 389 -25.02 -5.00 -8.03
CA VAL A 389 -25.06 -6.14 -8.98
C VAL A 389 -25.77 -7.37 -8.45
N ASN A 390 -25.96 -7.42 -7.13
CA ASN A 390 -26.72 -8.57 -6.55
C ASN A 390 -28.20 -8.23 -6.27
N GLY A 391 -28.52 -6.96 -6.41
CA GLY A 391 -29.83 -6.39 -6.21
C GLY A 391 -30.31 -6.38 -4.76
N ASN A 392 -29.40 -6.29 -3.79
CA ASN A 392 -29.86 -6.36 -2.40
C ASN A 392 -29.38 -5.16 -1.53
N LEU A 393 -28.77 -4.15 -2.16
CA LEU A 393 -28.21 -3.01 -1.42
C LEU A 393 -29.04 -1.74 -1.56
N GLY A 394 -30.16 -1.84 -2.27
CA GLY A 394 -31.11 -0.76 -2.42
C GLY A 394 -30.65 0.21 -3.48
N GLY A 395 -29.89 -0.25 -4.48
CA GLY A 395 -29.47 0.58 -5.59
C GLY A 395 -27.99 0.91 -5.53
N ASP A 396 -27.44 1.37 -6.65
CA ASP A 396 -26.02 1.77 -6.74
C ASP A 396 -25.72 2.92 -5.80
N HIS A 397 -24.49 2.98 -5.28
CA HIS A 397 -24.10 4.07 -4.39
C HIS A 397 -23.97 5.39 -5.16
N GLU A 398 -24.34 6.48 -4.51
CA GLU A 398 -24.35 7.83 -5.13
C GLU A 398 -23.01 8.29 -5.67
N LEU A 399 -21.92 7.71 -5.15
CA LEU A 399 -20.58 8.04 -5.64
C LEU A 399 -20.10 7.26 -6.86
N LEU A 400 -20.86 6.23 -7.25
CA LEU A 400 -20.49 5.40 -8.34
C LEU A 400 -20.20 6.16 -9.67
N PRO A 401 -21.11 7.07 -10.10
CA PRO A 401 -20.90 7.80 -11.39
C PRO A 401 -19.53 8.51 -11.42
N ASN A 402 -19.14 9.15 -10.33
CA ASN A 402 -17.83 9.82 -10.28
C ASN A 402 -16.62 8.87 -10.20
N PHE A 403 -16.81 7.74 -9.50
CA PHE A 403 -15.78 6.70 -9.49
C PHE A 403 -15.57 6.12 -10.92
N VAL A 404 -16.66 5.95 -11.68
CA VAL A 404 -16.59 5.58 -13.10
C VAL A 404 -15.83 6.63 -13.94
N GLU A 405 -16.13 7.90 -13.75
CA GLU A 405 -15.35 8.97 -14.43
C GLU A 405 -13.87 8.94 -14.09
N PHE A 406 -13.55 8.69 -12.81
CA PHE A 406 -12.19 8.62 -12.37
C PHE A 406 -11.53 7.47 -13.11
N TYR A 407 -12.23 6.32 -13.16
CA TYR A 407 -11.74 5.14 -13.87
C TYR A 407 -11.50 5.47 -15.36
N GLU A 408 -12.41 6.24 -15.94
CA GLU A 408 -12.33 6.53 -17.34
C GLU A 408 -11.24 7.58 -17.65
N ASP A 409 -10.67 8.19 -16.62
CA ASP A 409 -9.59 9.15 -16.87
C ASP A 409 -8.35 8.42 -17.41
N ASP A 410 -7.75 8.91 -18.51
CA ASP A 410 -6.58 8.23 -19.12
C ASP A 410 -5.35 8.18 -18.25
N TYR A 411 -5.30 9.11 -17.29
CA TYR A 411 -4.22 9.15 -16.32
C TYR A 411 -4.37 8.14 -15.17
N ALA A 412 -5.57 7.62 -14.96
CA ALA A 412 -5.87 6.61 -13.93
C ALA A 412 -5.73 5.17 -14.48
N ALA A 413 -4.71 4.43 -14.07
CA ALA A 413 -4.46 3.07 -14.62
C ALA A 413 -4.99 1.99 -13.70
N PHE A 414 -5.94 1.23 -14.21
CA PHE A 414 -6.41 0.01 -13.54
C PHE A 414 -5.63 -1.23 -14.05
N LEU A 415 -6.11 -2.46 -13.81
CA LEU A 415 -5.32 -3.63 -14.11
C LEU A 415 -4.93 -3.67 -15.58
N THR A 416 -5.87 -3.50 -16.50
CA THR A 416 -5.50 -3.70 -17.90
C THR A 416 -4.46 -2.64 -18.33
N GLU A 417 -4.56 -1.43 -17.78
CA GLU A 417 -3.55 -0.37 -18.07
C GLU A 417 -2.14 -0.60 -17.54
N ALA A 418 -2.03 -1.47 -16.54
CA ALA A 418 -0.77 -1.78 -15.90
C ALA A 418 -0.09 -3.05 -16.43
N SER A 419 -0.68 -3.71 -17.43
CA SER A 419 -0.05 -4.90 -18.02
C SER A 419 1.30 -4.53 -18.64
N GLY A 420 2.27 -5.42 -18.56
CA GLY A 420 3.61 -5.04 -19.04
C GLY A 420 4.57 -4.72 -17.92
N TRP A 421 4.05 -4.44 -16.71
CA TRP A 421 4.90 -4.22 -15.55
C TRP A 421 5.97 -5.31 -15.31
N ASN A 422 5.62 -6.54 -15.69
CA ASN A 422 6.43 -7.76 -15.44
C ASN A 422 7.38 -8.12 -16.59
N LEU A 423 7.47 -7.22 -17.59
CA LEU A 423 8.14 -7.52 -18.86
C LEU A 423 9.54 -6.93 -19.06
N TYR A 424 10.15 -6.37 -18.01
CA TYR A 424 11.56 -5.97 -18.04
C TYR A 424 12.52 -7.14 -17.71
N GLN A 425 13.41 -7.43 -18.65
CA GLN A 425 14.28 -8.63 -18.63
C GLN A 425 15.68 -8.32 -18.16
N ASP A 426 16.08 -7.06 -18.30
CA ASP A 426 17.46 -6.65 -18.31
C ASP A 426 17.58 -5.38 -17.46
N ILE A 427 17.15 -5.49 -16.21
CA ILE A 427 17.26 -4.35 -15.31
C ILE A 427 18.29 -4.68 -14.22
N SER A 428 19.16 -3.72 -13.97
CA SER A 428 20.37 -3.93 -13.21
C SER A 428 20.36 -3.14 -11.90
N THR A 429 21.14 -3.61 -10.92
CA THR A 429 21.03 -3.09 -9.56
C THR A 429 22.26 -2.29 -9.06
N ILE A 430 22.06 -1.50 -7.99
CA ILE A 430 22.98 -0.43 -7.49
C ILE A 430 23.81 0.25 -8.58
AS CAC B . -4.58 2.55 8.38
O1 CAC B . -4.69 4.31 8.49
O2 CAC B . -3.14 1.98 7.51
C1 CAC B . -4.73 1.78 10.15
C2 CAC B . -6.19 1.99 7.41
#